data_8JAC
#
_entry.id   8JAC
#
_cell.length_a   57.748
_cell.length_b   62.864
_cell.length_c   143.906
_cell.angle_alpha   90.000
_cell.angle_beta   90.000
_cell.angle_gamma   90.000
#
_symmetry.space_group_name_H-M   'P 21 21 21'
#
loop_
_entity.id
_entity.type
_entity.pdbx_description
1 polymer 'Trehalose-binding lipoprotein LpqY'
2 non-polymer 'SULFATE ION'
3 non-polymer N-[[(2R,3S,4S,5R,6S)-3,4,5,6-tetrakis(oxidanyl)oxan-2-yl]methyl]ethanamide
4 non-polymer alpha-D-glucopyranose
5 water water
#
_entity_poly.entity_id   1
_entity_poly.type   'polypeptide(L)'
_entity_poly.pdbx_seq_one_letter_code
;VVMSRGRIPRLGAAVLVALTTAAAACGADSQGLVVSFYTPATDGATFTAIAQRCNQQFGGRFTIAQVSLPRSPNEQRLQL
ARRLTGNDRTLDVMALDVVWTAEFAEAGWALPLSDDPAGLAENDAVADTLPGPLATAGWNHKLYAAPVTTNTQLLWYRPD
LVNSPPTDWNAMIAEAARLHAAGEPSWIAVQANQGEGLVVWFNTLLVSAGGSVLSEDGRHVTLTDTPAHRAATVSALQIL
KSVATTPGADPSITRTEEGSARLAFEQGKAALEVNWPFVFASMLENAVKGGVPFLPLNRIPQLAGSINDIGTFTPSDEQF
RIAYDASQQVFGFAPYPAVAPGQPAKVTIGGLNLAVAKTTRHRAEAFEAVRCLRDQHNQRYVSLEGGLPAVRASLYSDPQ
FQAKYPMHAIIRQQLTDAAVRPATPVYQALSIRLAAVLSPITEIDPESTADELAAQAQKAIDGMGLLP
;
_entity_poly.pdbx_strand_id   A
#
loop_
_chem_comp.id
_chem_comp.type
_chem_comp.name
_chem_comp.formula
GLC D-saccharide, alpha linking alpha-D-glucopyranose 'C6 H12 O6'
SO4 non-polymer 'SULFATE ION' 'O4 S -2'
W4Z non-polymer N-[[(2R,3S,4S,5R,6S)-3,4,5,6-tetrakis(oxidanyl)oxan-2-yl]methyl]ethanamide 'C8 H15 N O6'
#
# COMPACT_ATOMS: atom_id res chain seq x y z
N GLY A 32 30.06 17.40 1.12
CA GLY A 32 29.63 17.07 2.47
C GLY A 32 29.37 15.60 2.66
N LEU A 33 28.80 15.24 3.81
CA LEU A 33 28.50 13.86 4.10
C LEU A 33 27.31 13.38 3.28
N VAL A 34 27.10 12.07 3.27
CA VAL A 34 26.04 11.43 2.50
C VAL A 34 25.11 10.72 3.47
N VAL A 35 23.84 11.06 3.42
CA VAL A 35 22.78 10.38 4.16
C VAL A 35 22.16 9.36 3.22
N SER A 36 22.32 8.07 3.54
CA SER A 36 21.72 7.01 2.75
C SER A 36 20.23 6.94 3.03
N PHE A 37 19.45 6.68 1.99
CA PHE A 37 17.97 6.69 2.07
C PHE A 37 17.47 5.45 1.34
N TYR A 38 17.22 4.38 2.09
CA TYR A 38 16.81 3.11 1.51
C TYR A 38 15.30 3.08 1.34
N THR A 39 14.84 2.85 0.11
CA THR A 39 13.44 2.81 -0.25
C THR A 39 13.19 1.58 -1.12
N PRO A 40 11.94 1.10 -1.17
CA PRO A 40 11.63 0.01 -2.12
C PRO A 40 11.99 0.39 -3.55
N ALA A 41 12.45 -0.61 -4.32
CA ALA A 41 12.99 -0.34 -5.64
C ALA A 41 11.94 0.25 -6.57
N THR A 42 10.71 -0.24 -6.50
CA THR A 42 9.67 0.27 -7.38
C THR A 42 9.33 1.73 -7.10
N ASP A 43 9.71 2.25 -5.94
CA ASP A 43 9.55 3.66 -5.61
C ASP A 43 10.88 4.41 -5.66
N GLY A 44 11.89 3.82 -6.28
CA GLY A 44 13.21 4.43 -6.35
C GLY A 44 13.22 5.79 -7.03
N ALA A 45 12.85 5.79 -8.32
CA ALA A 45 12.89 7.03 -9.10
C ALA A 45 12.20 8.17 -8.37
N THR A 46 10.93 7.98 -8.02
CA THR A 46 10.20 8.96 -7.24
C THR A 46 11.05 9.51 -6.10
N PHE A 47 11.52 8.62 -5.22
CA PHE A 47 12.26 9.09 -4.06
C PHE A 47 13.59 9.70 -4.48
N THR A 48 14.24 9.10 -5.49
CA THR A 48 15.45 9.72 -6.05
C THR A 48 15.16 11.18 -6.37
N ALA A 49 14.09 11.43 -7.13
CA ALA A 49 13.75 12.80 -7.48
C ALA A 49 13.58 13.64 -6.23
N ILE A 50 12.83 13.14 -5.25
CA ILE A 50 12.62 13.89 -4.01
C ILE A 50 13.96 14.20 -3.38
N ALA A 51 14.84 13.20 -3.28
CA ALA A 51 16.16 13.44 -2.70
C ALA A 51 16.87 14.55 -3.44
N GLN A 52 16.83 14.52 -4.77
CA GLN A 52 17.49 15.56 -5.55
C GLN A 52 16.96 16.93 -5.16
N ARG A 53 15.64 17.08 -5.04
CA ARG A 53 15.09 18.36 -4.63
C ARG A 53 15.65 18.78 -3.28
N CYS A 54 15.62 17.86 -2.31
CA CYS A 54 16.13 18.20 -0.98
C CYS A 54 17.61 18.51 -1.04
N ASN A 55 18.33 17.88 -1.96
CA ASN A 55 19.76 18.12 -2.05
C ASN A 55 20.04 19.56 -2.48
N GLN A 56 19.13 20.15 -3.25
CA GLN A 56 19.33 21.54 -3.63
C GLN A 56 19.04 22.50 -2.48
N GLN A 57 18.43 22.03 -1.40
CA GLN A 57 18.06 22.89 -0.28
C GLN A 57 19.09 22.88 0.85
N PHE A 58 19.91 21.84 0.94
CA PHE A 58 20.99 21.84 1.92
C PHE A 58 22.23 22.56 1.44
N GLY A 59 22.44 22.62 0.12
CA GLY A 59 23.52 23.38 -0.47
C GLY A 59 24.89 23.02 0.06
N GLY A 60 25.38 21.83 -0.31
CA GLY A 60 26.70 21.40 0.07
C GLY A 60 26.86 20.96 1.51
N ARG A 61 25.87 21.22 2.38
CA ARG A 61 25.97 20.76 3.75
C ARG A 61 26.00 19.23 3.81
N PHE A 62 25.05 18.57 3.15
CA PHE A 62 25.07 17.13 2.97
C PHE A 62 24.21 16.77 1.78
N THR A 63 24.33 15.51 1.36
CA THR A 63 23.61 14.99 0.19
C THR A 63 22.84 13.74 0.58
N ILE A 64 21.58 13.66 0.16
CA ILE A 64 20.79 12.46 0.33
C ILE A 64 20.99 11.56 -0.89
N ALA A 65 21.34 10.30 -0.65
CA ALA A 65 21.55 9.32 -1.72
C ALA A 65 20.55 8.18 -1.55
N GLN A 66 19.64 8.05 -2.50
CA GLN A 66 18.64 6.99 -2.46
C GLN A 66 19.27 5.66 -2.85
N VAL A 67 18.86 4.61 -2.15
CA VAL A 67 19.31 3.25 -2.41
C VAL A 67 18.09 2.33 -2.40
N SER A 68 18.03 1.41 -3.37
CA SER A 68 16.85 0.58 -3.57
C SER A 68 16.94 -0.73 -2.79
N LEU A 69 15.79 -1.15 -2.28
CA LEU A 69 15.52 -2.41 -1.62
C LEU A 69 14.61 -3.25 -2.49
N PRO A 70 14.56 -4.58 -2.27
CA PRO A 70 13.72 -5.44 -3.13
C PRO A 70 12.23 -5.11 -3.10
N ARG A 71 11.46 -5.87 -3.89
CA ARG A 71 10.07 -5.53 -4.16
C ARG A 71 9.14 -5.90 -3.01
N SER A 72 9.37 -7.07 -2.34
CA SER A 72 8.41 -7.46 -1.33
C SER A 72 8.77 -6.87 0.04
N PRO A 73 7.76 -6.54 0.86
CA PRO A 73 8.05 -5.99 2.19
C PRO A 73 8.95 -6.88 3.04
N ASN A 74 8.78 -8.20 2.92
CA ASN A 74 9.62 -9.13 3.66
C ASN A 74 11.09 -8.98 3.28
N GLU A 75 11.37 -8.76 2.00
CA GLU A 75 12.77 -8.66 1.56
C GLU A 75 13.37 -7.31 1.90
N GLN A 76 12.59 -6.23 1.79
CA GLN A 76 13.02 -4.94 2.33
C GLN A 76 13.43 -5.09 3.78
N ARG A 77 12.56 -5.72 4.57
CA ARG A 77 12.85 -5.95 5.99
C ARG A 77 14.12 -6.77 6.17
N LEU A 78 14.31 -7.82 5.36
CA LEU A 78 15.46 -8.69 5.54
C LEU A 78 16.77 -7.96 5.24
N GLN A 79 16.81 -7.21 4.14
CA GLN A 79 17.99 -6.42 3.82
C GLN A 79 18.31 -5.43 4.94
N LEU A 80 17.30 -4.69 5.39
CA LEU A 80 17.53 -3.69 6.43
C LEU A 80 17.99 -4.36 7.73
N ALA A 81 17.38 -5.48 8.10
CA ALA A 81 17.73 -6.16 9.34
C ALA A 81 19.14 -6.69 9.29
N ARG A 82 19.57 -7.22 8.13
CA ARG A 82 20.94 -7.68 8.01
C ARG A 82 21.92 -6.51 8.16
N ARG A 83 21.61 -5.37 7.55
CA ARG A 83 22.49 -4.22 7.71
C ARG A 83 22.51 -3.70 9.15
N LEU A 84 21.39 -3.79 9.86
CA LEU A 84 21.31 -3.26 11.22
C LEU A 84 22.02 -4.16 12.21
N THR A 85 21.76 -5.47 12.16
CA THR A 85 22.47 -6.41 13.02
C THR A 85 23.94 -6.52 12.64
N GLY A 86 24.29 -6.23 11.40
CA GLY A 86 25.68 -6.18 10.97
C GLY A 86 26.39 -4.89 11.26
N ASN A 87 25.70 -3.93 11.90
CA ASN A 87 26.28 -2.64 12.28
C ASN A 87 26.87 -1.89 11.08
N ASP A 88 26.14 -1.91 9.97
CA ASP A 88 26.51 -1.15 8.78
C ASP A 88 26.37 0.34 9.09
N ARG A 89 27.49 1.00 9.39
CA ARG A 89 27.45 2.39 9.82
C ARG A 89 27.15 3.37 8.69
N THR A 90 26.99 2.89 7.46
CA THR A 90 26.60 3.74 6.34
C THR A 90 25.09 3.81 6.14
N LEU A 91 24.31 3.08 6.93
CA LEU A 91 22.86 3.07 6.81
C LEU A 91 22.29 4.18 7.69
N ASP A 92 21.55 5.11 7.08
CA ASP A 92 21.06 6.30 7.75
C ASP A 92 19.55 6.32 7.85
N VAL A 93 18.83 6.45 6.73
CA VAL A 93 17.38 6.62 6.72
C VAL A 93 16.73 5.45 6.00
N MET A 94 15.62 4.95 6.56
CA MET A 94 14.91 3.78 6.09
C MET A 94 13.46 4.15 5.80
N ALA A 95 12.95 3.74 4.65
CA ALA A 95 11.52 3.87 4.34
C ALA A 95 10.87 2.52 4.65
N LEU A 96 10.23 2.42 5.82
CA LEU A 96 9.71 1.16 6.33
C LEU A 96 8.23 1.00 6.00
N ASP A 97 7.86 -0.21 5.60
CA ASP A 97 6.45 -0.57 5.55
C ASP A 97 5.83 -0.38 6.94
N VAL A 98 4.54 -0.03 6.95
CA VAL A 98 3.86 0.25 8.21
C VAL A 98 3.88 -0.93 9.16
N VAL A 99 4.06 -2.15 8.64
CA VAL A 99 3.97 -3.36 9.45
C VAL A 99 5.23 -3.66 10.24
N TRP A 100 6.33 -2.97 9.99
CA TRP A 100 7.60 -3.29 10.62
C TRP A 100 7.89 -2.45 11.86
N THR A 101 7.15 -1.36 12.07
CA THR A 101 7.36 -0.44 13.19
C THR A 101 7.65 -1.19 14.48
N ALA A 102 6.67 -1.96 14.95
CA ALA A 102 6.81 -2.73 16.18
C ALA A 102 8.17 -3.40 16.25
N GLU A 103 8.48 -4.27 15.28
CA GLU A 103 9.75 -4.98 15.33
C GLU A 103 10.91 -4.00 15.43
N PHE A 104 10.96 -3.03 14.51
CA PHE A 104 12.10 -2.14 14.47
C PHE A 104 12.16 -1.25 15.70
N ALA A 105 11.03 -1.07 16.40
CA ALA A 105 11.08 -0.34 17.65
C ALA A 105 11.58 -1.21 18.79
N GLU A 106 11.14 -2.47 18.83
CA GLU A 106 11.51 -3.35 19.94
C GLU A 106 12.98 -3.72 19.90
N ALA A 107 13.53 -3.89 18.71
CA ALA A 107 14.93 -4.25 18.54
C ALA A 107 15.88 -3.07 18.72
N GLY A 108 15.35 -1.85 18.85
CA GLY A 108 16.20 -0.68 18.87
C GLY A 108 16.76 -0.29 17.52
N TRP A 109 16.28 -0.91 16.43
CA TRP A 109 16.82 -0.62 15.11
C TRP A 109 16.42 0.78 14.64
N ALA A 110 15.17 1.16 14.84
CA ALA A 110 14.68 2.49 14.50
C ALA A 110 14.73 3.36 15.74
N LEU A 111 15.51 4.44 15.67
CA LEU A 111 15.63 5.33 16.82
C LEU A 111 14.31 6.04 17.08
N PRO A 112 13.91 6.22 18.34
CA PRO A 112 12.74 7.04 18.62
C PRO A 112 12.94 8.44 18.09
N LEU A 113 11.86 9.05 17.61
CA LEU A 113 11.95 10.41 17.10
C LEU A 113 12.48 11.38 18.15
N SER A 114 12.32 11.05 19.44
CA SER A 114 12.87 11.88 20.50
C SER A 114 14.39 11.80 20.58
N ASP A 115 15.01 10.88 19.85
CA ASP A 115 16.47 10.82 19.77
C ASP A 115 17.06 11.86 18.85
N ASP A 116 16.24 12.67 18.18
CA ASP A 116 16.73 13.76 17.37
C ASP A 116 17.50 14.74 18.26
N PRO A 117 18.79 14.98 18.00
CA PRO A 117 19.52 15.95 18.81
C PRO A 117 18.92 17.35 18.76
N ALA A 118 18.30 17.72 17.63
CA ALA A 118 17.65 19.01 17.52
C ALA A 118 16.29 19.06 18.20
N GLY A 119 15.72 17.90 18.56
CA GLY A 119 14.42 17.87 19.21
C GLY A 119 13.28 18.36 18.34
N LEU A 120 13.41 18.28 17.03
CA LEU A 120 12.39 18.76 16.11
C LEU A 120 11.59 17.65 15.44
N ALA A 121 12.02 16.39 15.57
CA ALA A 121 11.46 15.32 14.76
C ALA A 121 10.01 15.03 15.12
N GLU A 122 9.70 14.92 16.42
CA GLU A 122 8.35 14.55 16.84
C GLU A 122 7.33 15.59 16.40
N ASN A 123 7.64 16.87 16.64
CA ASN A 123 6.70 17.94 16.29
C ASN A 123 6.49 18.01 14.77
N ASP A 124 7.56 17.85 14.00
CA ASP A 124 7.41 17.81 12.55
C ASP A 124 6.55 16.63 12.11
N ALA A 125 6.75 15.47 12.74
CA ALA A 125 6.03 14.27 12.33
C ALA A 125 4.54 14.40 12.59
N VAL A 126 4.15 14.95 13.75
CA VAL A 126 2.72 15.05 14.04
C VAL A 126 2.06 16.23 13.32
N ALA A 127 2.83 17.24 12.92
CA ALA A 127 2.22 18.45 12.36
C ALA A 127 1.65 18.17 10.97
N ASP A 128 0.37 18.51 10.79
CA ASP A 128 -0.30 18.43 9.49
C ASP A 128 -0.19 17.04 8.88
N THR A 129 -0.34 16.01 9.73
CA THR A 129 -0.25 14.63 9.28
C THR A 129 -1.50 13.87 9.72
N LEU A 130 -2.03 13.04 8.84
CA LEU A 130 -3.23 12.27 9.14
C LEU A 130 -2.98 11.33 10.31
N PRO A 131 -4.00 11.08 11.14
CA PRO A 131 -3.77 10.30 12.36
C PRO A 131 -3.56 8.81 12.13
N GLY A 132 -4.16 8.23 11.09
CA GLY A 132 -3.95 6.81 10.78
C GLY A 132 -2.50 6.45 10.51
N PRO A 133 -1.86 7.17 9.57
CA PRO A 133 -0.42 6.97 9.36
C PRO A 133 0.42 7.15 10.62
N LEU A 134 0.14 8.22 11.39
CA LEU A 134 0.84 8.42 12.66
C LEU A 134 0.69 7.20 13.56
N ALA A 135 -0.53 6.64 13.63
CA ALA A 135 -0.74 5.44 14.43
C ALA A 135 0.12 4.28 13.94
N THR A 136 0.25 4.13 12.61
CA THR A 136 1.16 3.10 12.11
C THR A 136 2.60 3.36 12.50
N ALA A 137 2.97 4.62 12.73
CA ALA A 137 4.36 4.96 13.03
C ALA A 137 4.71 4.88 14.51
N GLY A 138 3.80 4.43 15.37
CA GLY A 138 4.07 4.45 16.80
C GLY A 138 4.22 3.08 17.44
N TRP A 139 4.88 3.03 18.60
CA TRP A 139 5.03 1.79 19.37
C TRP A 139 5.25 2.14 20.83
N ASN A 140 4.48 1.49 21.71
CA ASN A 140 4.55 1.75 23.15
C ASN A 140 4.48 3.24 23.45
N HIS A 141 3.49 3.89 22.85
CA HIS A 141 3.17 5.30 23.09
C HIS A 141 4.32 6.24 22.69
N LYS A 142 5.13 5.82 21.72
CA LYS A 142 6.22 6.65 21.21
C LYS A 142 6.32 6.49 19.70
N LEU A 143 6.64 7.59 19.02
CA LEU A 143 6.87 7.55 17.58
C LEU A 143 8.29 7.11 17.29
N TYR A 144 8.43 6.10 16.44
CA TYR A 144 9.74 5.63 16.00
C TYR A 144 9.96 5.89 14.52
N ALA A 145 9.10 6.68 13.89
CA ALA A 145 9.23 7.01 12.49
C ALA A 145 8.32 8.20 12.19
N ALA A 146 8.59 8.84 11.06
CA ALA A 146 7.75 9.94 10.58
C ALA A 146 7.08 9.51 9.29
N PRO A 147 5.75 9.41 9.25
CA PRO A 147 5.08 8.95 8.03
C PRO A 147 5.42 9.83 6.85
N VAL A 148 5.62 9.20 5.68
CA VAL A 148 5.85 9.92 4.44
C VAL A 148 4.80 9.57 3.39
N THR A 149 4.41 8.30 3.28
CA THR A 149 3.34 7.93 2.38
C THR A 149 2.39 6.98 3.09
N THR A 150 1.13 7.00 2.67
CA THR A 150 0.12 6.10 3.20
C THR A 150 -0.51 5.35 2.03
N ASN A 151 -1.44 4.47 2.32
CA ASN A 151 -1.98 3.63 1.26
C ASN A 151 -3.31 3.03 1.70
N THR A 152 -4.23 2.92 0.74
CA THR A 152 -5.51 2.26 0.93
C THR A 152 -6.01 1.82 -0.44
N GLN A 153 -6.66 0.66 -0.49
CA GLN A 153 -7.04 0.07 -1.76
C GLN A 153 -8.42 0.55 -2.19
N LEU A 154 -8.56 0.78 -3.49
CA LEU A 154 -9.81 1.18 -4.10
C LEU A 154 -10.25 0.12 -5.10
N LEU A 155 -11.48 0.27 -5.57
CA LEU A 155 -12.01 -0.54 -6.66
C LEU A 155 -11.84 0.23 -7.96
N TRP A 156 -11.34 -0.46 -8.98
CA TRP A 156 -11.12 0.09 -10.31
C TRP A 156 -11.89 -0.77 -11.30
N TYR A 157 -12.63 -0.12 -12.19
CA TYR A 157 -13.52 -0.83 -13.09
C TYR A 157 -13.52 -0.18 -14.46
N ARG A 158 -14.05 -0.93 -15.43
CA ARG A 158 -14.24 -0.46 -16.79
C ARG A 158 -15.67 0.06 -16.93
N PRO A 159 -15.87 1.38 -16.89
CA PRO A 159 -17.24 1.91 -17.03
C PRO A 159 -17.88 1.58 -18.36
N ASP A 160 -17.10 1.23 -19.38
CA ASP A 160 -17.70 0.85 -20.66
C ASP A 160 -18.30 -0.55 -20.60
N LEU A 161 -17.70 -1.46 -19.83
CA LEU A 161 -18.21 -2.82 -19.71
C LEU A 161 -19.01 -3.06 -18.45
N VAL A 162 -18.83 -2.24 -17.42
CA VAL A 162 -19.54 -2.38 -16.15
C VAL A 162 -20.38 -1.12 -15.96
N ASN A 163 -21.70 -1.29 -15.92
CA ASN A 163 -22.59 -0.14 -15.86
C ASN A 163 -22.60 0.52 -14.49
N SER A 164 -22.40 -0.27 -13.43
CA SER A 164 -22.41 0.26 -12.07
C SER A 164 -21.30 -0.45 -11.29
N PRO A 165 -20.43 0.30 -10.62
CA PRO A 165 -19.38 -0.33 -9.82
C PRO A 165 -19.98 -1.03 -8.62
N PRO A 166 -19.69 -2.32 -8.44
CA PRO A 166 -20.30 -3.05 -7.33
C PRO A 166 -19.88 -2.49 -5.98
N THR A 167 -20.83 -2.51 -5.04
CA THR A 167 -20.66 -1.91 -3.73
C THR A 167 -20.32 -2.92 -2.65
N ASP A 168 -20.46 -4.21 -2.92
CA ASP A 168 -20.08 -5.24 -1.96
C ASP A 168 -19.60 -6.46 -2.72
N TRP A 169 -19.07 -7.44 -1.97
CA TRP A 169 -18.33 -8.53 -2.60
C TRP A 169 -19.24 -9.51 -3.32
N ASN A 170 -20.46 -9.73 -2.81
CA ASN A 170 -21.41 -10.55 -3.55
C ASN A 170 -21.78 -9.88 -4.87
N ALA A 171 -21.89 -8.55 -4.86
CA ALA A 171 -22.10 -7.81 -6.11
C ALA A 171 -20.90 -7.97 -7.04
N MET A 172 -19.69 -8.04 -6.46
CA MET A 172 -18.49 -8.28 -7.26
C MET A 172 -18.58 -9.62 -7.97
N ILE A 173 -18.94 -10.67 -7.22
CA ILE A 173 -19.06 -12.00 -7.80
C ILE A 173 -20.13 -12.03 -8.88
N ALA A 174 -21.28 -11.39 -8.61
CA ALA A 174 -22.37 -11.38 -9.59
C ALA A 174 -21.96 -10.65 -10.86
N GLU A 175 -21.26 -9.52 -10.72
CA GLU A 175 -20.80 -8.78 -11.90
C GLU A 175 -19.78 -9.58 -12.70
N ALA A 176 -18.88 -10.28 -12.00
CA ALA A 176 -17.90 -11.10 -12.71
C ALA A 176 -18.59 -12.23 -13.47
N ALA A 177 -19.58 -12.87 -12.85
CA ALA A 177 -20.31 -13.93 -13.54
C ALA A 177 -21.08 -13.37 -14.73
N ARG A 178 -21.66 -12.19 -14.60
CA ARG A 178 -22.37 -11.57 -15.71
C ARG A 178 -21.42 -11.27 -16.87
N LEU A 179 -20.26 -10.70 -16.57
CA LEU A 179 -19.26 -10.42 -17.61
C LEU A 179 -18.80 -11.71 -18.27
N HIS A 180 -18.65 -12.78 -17.49
CA HIS A 180 -18.29 -14.08 -18.06
C HIS A 180 -19.38 -14.57 -19.01
N ALA A 181 -20.63 -14.45 -18.60
CA ALA A 181 -21.76 -14.84 -19.44
C ALA A 181 -21.88 -13.96 -20.68
N ALA A 182 -21.28 -12.77 -20.66
CA ALA A 182 -21.30 -11.88 -21.82
C ALA A 182 -20.03 -12.00 -22.67
N GLY A 183 -19.15 -12.95 -22.37
CA GLY A 183 -17.91 -13.09 -23.11
C GLY A 183 -16.89 -12.01 -22.83
N GLU A 184 -17.12 -11.17 -21.83
CA GLU A 184 -16.23 -10.09 -21.44
C GLU A 184 -15.20 -10.58 -20.44
N PRO A 185 -14.10 -9.83 -20.24
CA PRO A 185 -13.13 -10.22 -19.22
C PRO A 185 -13.77 -10.28 -17.84
N SER A 186 -13.69 -11.46 -17.22
CA SER A 186 -14.39 -11.73 -15.97
C SER A 186 -13.45 -11.94 -14.79
N TRP A 187 -12.15 -11.73 -14.98
CA TRP A 187 -11.22 -11.76 -13.87
C TRP A 187 -11.60 -10.70 -12.83
N ILE A 188 -11.35 -11.02 -11.56
CA ILE A 188 -11.31 -10.02 -10.50
C ILE A 188 -9.85 -9.89 -10.10
N ALA A 189 -9.21 -8.82 -10.53
CA ALA A 189 -7.77 -8.65 -10.37
C ALA A 189 -7.47 -8.16 -8.96
N VAL A 190 -6.95 -9.05 -8.12
CA VAL A 190 -6.50 -8.71 -6.77
C VAL A 190 -5.02 -9.06 -6.68
N GLN A 191 -4.20 -8.09 -6.26
CA GLN A 191 -2.79 -8.34 -6.08
C GLN A 191 -2.58 -9.19 -4.84
N ALA A 192 -2.91 -10.49 -4.92
CA ALA A 192 -2.86 -11.40 -3.78
C ALA A 192 -2.41 -12.76 -4.31
N ASN A 193 -1.10 -12.91 -4.50
CA ASN A 193 -0.54 -14.18 -4.92
C ASN A 193 -0.41 -15.11 -3.72
N GLN A 194 0.74 -15.07 -3.04
CA GLN A 194 0.95 -15.92 -1.88
C GLN A 194 1.69 -15.20 -0.75
N GLY A 195 1.69 -13.87 -0.75
CA GLY A 195 2.48 -13.10 0.21
C GLY A 195 1.64 -12.07 0.93
N GLU A 196 2.27 -10.91 1.17
CA GLU A 196 1.66 -9.87 1.99
C GLU A 196 0.37 -9.33 1.39
N GLY A 197 0.27 -9.30 0.05
CA GLY A 197 -0.98 -8.85 -0.56
C GLY A 197 -2.17 -9.71 -0.17
N LEU A 198 -1.95 -11.02 -0.11
CA LEU A 198 -3.02 -11.92 0.32
C LEU A 198 -3.41 -11.69 1.78
N VAL A 199 -2.41 -11.44 2.63
CA VAL A 199 -2.69 -11.15 4.03
C VAL A 199 -3.46 -9.84 4.16
N VAL A 200 -3.14 -8.86 3.30
CA VAL A 200 -3.85 -7.58 3.33
C VAL A 200 -5.31 -7.79 2.93
N TRP A 201 -5.54 -8.54 1.85
CA TRP A 201 -6.90 -8.85 1.43
C TRP A 201 -7.68 -9.53 2.54
N PHE A 202 -7.08 -10.56 3.17
CA PHE A 202 -7.75 -11.25 4.26
C PHE A 202 -8.02 -10.32 5.43
N ASN A 203 -7.07 -9.46 5.77
CA ASN A 203 -7.24 -8.57 6.91
C ASN A 203 -8.37 -7.58 6.66
N THR A 204 -8.45 -7.03 5.44
CA THR A 204 -9.56 -6.14 5.11
C THR A 204 -10.89 -6.86 5.25
N LEU A 205 -11.00 -8.06 4.68
CA LEU A 205 -12.26 -8.80 4.78
C LEU A 205 -12.61 -9.12 6.23
N LEU A 206 -11.60 -9.48 7.03
CA LEU A 206 -11.83 -9.91 8.40
C LEU A 206 -12.28 -8.74 9.27
N VAL A 207 -11.57 -7.61 9.20
CA VAL A 207 -11.93 -6.46 10.01
C VAL A 207 -13.26 -5.87 9.55
N SER A 208 -13.50 -5.86 8.24
CA SER A 208 -14.78 -5.38 7.73
C SER A 208 -15.94 -6.22 8.24
N ALA A 209 -15.69 -7.49 8.55
CA ALA A 209 -16.70 -8.38 9.11
C ALA A 209 -16.75 -8.31 10.63
N GLY A 210 -15.91 -7.50 11.27
CA GLY A 210 -15.91 -7.36 12.71
C GLY A 210 -14.85 -8.16 13.43
N GLY A 211 -13.98 -8.87 12.71
CA GLY A 211 -12.97 -9.71 13.31
C GLY A 211 -11.63 -9.02 13.45
N SER A 212 -10.63 -9.80 13.88
CA SER A 212 -9.30 -9.31 14.16
C SER A 212 -8.37 -10.50 14.33
N VAL A 213 -7.15 -10.38 13.80
CA VAL A 213 -6.19 -11.47 13.90
C VAL A 213 -5.74 -11.65 15.35
N LEU A 214 -5.37 -10.55 16.00
CA LEU A 214 -4.82 -10.59 17.35
C LEU A 214 -5.60 -9.64 18.25
N SER A 215 -5.46 -9.87 19.56
CA SER A 215 -6.01 -8.94 20.52
C SER A 215 -5.31 -7.59 20.42
N GLU A 216 -5.82 -6.62 21.19
CA GLU A 216 -5.30 -5.26 21.11
C GLU A 216 -3.82 -5.20 21.47
N ASP A 217 -3.42 -5.89 22.54
CA ASP A 217 -2.03 -5.92 22.95
C ASP A 217 -1.18 -6.90 22.14
N GLY A 218 -1.75 -7.53 21.12
CA GLY A 218 -1.02 -8.47 20.30
C GLY A 218 -0.59 -9.75 21.00
N ARG A 219 -1.14 -10.03 22.17
CA ARG A 219 -0.70 -11.17 22.97
C ARG A 219 -1.57 -12.41 22.80
N HIS A 220 -2.75 -12.28 22.19
CA HIS A 220 -3.66 -13.40 22.04
C HIS A 220 -4.23 -13.43 20.63
N VAL A 221 -4.47 -14.65 20.14
CA VAL A 221 -5.07 -14.84 18.82
C VAL A 221 -6.58 -14.76 18.96
N THR A 222 -7.20 -13.89 18.16
CA THR A 222 -8.62 -13.61 18.27
C THR A 222 -9.38 -13.99 17.00
N LEU A 223 -8.85 -14.97 16.26
CA LEU A 223 -9.52 -15.40 15.04
C LEU A 223 -10.72 -16.30 15.34
N THR A 224 -10.63 -17.14 16.38
CA THR A 224 -11.68 -18.10 16.67
C THR A 224 -12.01 -18.20 18.16
N ASP A 225 -11.65 -17.19 18.95
CA ASP A 225 -11.78 -17.31 20.41
C ASP A 225 -13.20 -17.04 20.91
N THR A 226 -14.03 -16.37 20.13
CA THR A 226 -15.43 -16.15 20.46
C THR A 226 -16.29 -16.50 19.26
N PRO A 227 -17.59 -16.75 19.47
CA PRO A 227 -18.47 -16.99 18.32
C PRO A 227 -18.49 -15.85 17.31
N ALA A 228 -18.51 -14.59 17.77
CA ALA A 228 -18.52 -13.47 16.84
C ALA A 228 -17.22 -13.39 16.05
N HIS A 229 -16.08 -13.62 16.73
CA HIS A 229 -14.79 -13.59 16.04
C HIS A 229 -14.68 -14.71 15.01
N ARG A 230 -15.06 -15.93 15.40
CA ARG A 230 -15.03 -17.04 14.47
C ARG A 230 -15.96 -16.79 13.29
N ALA A 231 -17.13 -16.21 13.55
CA ALA A 231 -18.06 -15.89 12.46
C ALA A 231 -17.43 -14.91 11.48
N ALA A 232 -16.75 -13.89 11.99
CA ALA A 232 -16.08 -12.94 11.11
C ALA A 232 -15.02 -13.63 10.26
N THR A 233 -14.18 -14.46 10.89
CA THR A 233 -13.14 -15.16 10.16
C THR A 233 -13.74 -16.05 9.08
N VAL A 234 -14.84 -16.73 9.40
CA VAL A 234 -15.48 -17.63 8.44
C VAL A 234 -16.07 -16.86 7.27
N SER A 235 -16.68 -15.71 7.55
CA SER A 235 -17.22 -14.88 6.46
C SER A 235 -16.11 -14.41 5.52
N ALA A 236 -14.98 -13.97 6.10
CA ALA A 236 -13.86 -13.52 5.28
C ALA A 236 -13.32 -14.65 4.40
N LEU A 237 -13.11 -15.82 5.00
CA LEU A 237 -12.63 -16.97 4.24
C LEU A 237 -13.63 -17.37 3.16
N GLN A 238 -14.93 -17.27 3.44
CA GLN A 238 -15.94 -17.61 2.45
C GLN A 238 -15.87 -16.66 1.26
N ILE A 239 -15.65 -15.37 1.52
CA ILE A 239 -15.51 -14.42 0.42
C ILE A 239 -14.28 -14.75 -0.42
N LEU A 240 -13.15 -15.05 0.24
CA LEU A 240 -11.95 -15.42 -0.51
C LEU A 240 -12.20 -16.64 -1.39
N LYS A 241 -12.84 -17.67 -0.81
CA LYS A 241 -13.09 -18.90 -1.56
C LYS A 241 -14.02 -18.67 -2.75
N SER A 242 -15.06 -17.87 -2.54
CA SER A 242 -16.04 -17.66 -3.62
C SER A 242 -15.46 -16.79 -4.74
N VAL A 243 -14.63 -15.80 -4.40
CA VAL A 243 -13.93 -15.06 -5.45
C VAL A 243 -12.99 -15.99 -6.20
N ALA A 244 -12.33 -16.91 -5.48
CA ALA A 244 -11.38 -17.82 -6.10
C ALA A 244 -12.05 -18.70 -7.15
N THR A 245 -13.31 -19.08 -6.95
CA THR A 245 -13.97 -20.09 -7.77
C THR A 245 -15.19 -19.54 -8.50
N THR A 246 -15.13 -18.26 -8.90
CA THR A 246 -16.16 -17.58 -9.67
C THR A 246 -15.92 -17.79 -11.17
N PRO A 247 -16.97 -18.05 -11.94
CA PRO A 247 -16.80 -18.33 -13.37
C PRO A 247 -15.91 -17.31 -14.07
N GLY A 248 -14.91 -17.81 -14.80
CA GLY A 248 -13.94 -16.95 -15.44
C GLY A 248 -12.85 -16.45 -14.51
N ALA A 249 -12.62 -17.13 -13.39
CA ALA A 249 -11.66 -16.66 -12.41
C ALA A 249 -10.25 -16.64 -12.99
N ASP A 250 -9.42 -15.82 -12.38
CA ASP A 250 -8.03 -15.72 -12.79
C ASP A 250 -7.32 -17.05 -12.53
N PRO A 251 -6.61 -17.61 -13.52
CA PRO A 251 -5.80 -18.80 -13.27
C PRO A 251 -4.45 -18.53 -12.63
N SER A 252 -4.16 -17.27 -12.27
CA SER A 252 -2.91 -16.92 -11.63
C SER A 252 -2.90 -17.23 -10.13
N ILE A 253 -4.01 -17.67 -9.57
CA ILE A 253 -4.05 -18.01 -8.15
C ILE A 253 -3.66 -19.46 -7.90
N THR A 254 -3.97 -20.36 -8.83
CA THR A 254 -3.66 -21.78 -8.71
C THR A 254 -2.21 -22.10 -9.07
N ARG A 255 -1.35 -21.09 -9.02
CA ARG A 255 0.09 -21.25 -9.37
C ARG A 255 0.94 -20.45 -8.40
N THR A 256 2.26 -20.72 -8.40
CA THR A 256 3.25 -19.97 -7.62
C THR A 256 3.72 -18.73 -8.34
N GLU A 257 2.77 -17.90 -8.79
CA GLU A 257 3.06 -16.86 -9.75
C GLU A 257 3.46 -15.55 -9.08
N GLU A 258 4.15 -14.72 -9.85
CA GLU A 258 4.33 -13.30 -9.58
C GLU A 258 3.62 -12.57 -10.72
N GLY A 259 2.30 -12.50 -10.62
CA GLY A 259 1.48 -11.79 -11.57
C GLY A 259 1.05 -10.45 -11.01
N SER A 260 0.76 -9.51 -11.91
CA SER A 260 0.42 -8.15 -11.54
C SER A 260 -1.06 -7.92 -11.85
N ALA A 261 -1.87 -7.69 -10.82
CA ALA A 261 -3.26 -7.31 -11.04
C ALA A 261 -3.35 -6.00 -11.81
N ARG A 262 -2.42 -5.08 -11.53
CA ARG A 262 -2.37 -3.81 -12.26
C ARG A 262 -2.18 -4.05 -13.75
N LEU A 263 -1.15 -4.82 -14.12
CA LEU A 263 -0.91 -5.10 -15.53
C LEU A 263 -2.01 -5.98 -16.12
N ALA A 264 -2.57 -6.90 -15.33
CA ALA A 264 -3.70 -7.68 -15.81
C ALA A 264 -4.88 -6.80 -16.20
N PHE A 265 -5.13 -5.75 -15.43
CA PHE A 265 -6.18 -4.80 -15.81
C PHE A 265 -5.75 -3.98 -17.01
N GLU A 266 -4.50 -3.52 -17.05
CA GLU A 266 -4.04 -2.68 -18.14
C GLU A 266 -3.96 -3.44 -19.47
N GLN A 267 -3.96 -4.78 -19.43
CA GLN A 267 -3.93 -5.58 -20.65
C GLN A 267 -5.32 -6.04 -21.06
N GLY A 268 -6.36 -5.54 -20.39
CA GLY A 268 -7.72 -5.89 -20.75
C GLY A 268 -8.21 -7.24 -20.27
N LYS A 269 -7.43 -7.91 -19.41
CA LYS A 269 -7.83 -9.24 -18.94
C LYS A 269 -8.83 -9.19 -17.79
N ALA A 270 -8.93 -8.06 -17.09
CA ALA A 270 -9.86 -7.91 -15.99
C ALA A 270 -10.61 -6.59 -16.13
N ALA A 271 -11.91 -6.63 -15.87
CA ALA A 271 -12.75 -5.44 -15.83
C ALA A 271 -13.03 -4.96 -14.41
N LEU A 272 -12.48 -5.65 -13.41
CA LEU A 272 -12.63 -5.30 -12.01
C LEU A 272 -11.30 -5.57 -11.31
N GLU A 273 -10.88 -4.63 -10.47
CA GLU A 273 -9.61 -4.76 -9.78
C GLU A 273 -9.71 -4.03 -8.44
N VAL A 274 -9.10 -4.58 -7.40
CA VAL A 274 -8.93 -3.86 -6.15
C VAL A 274 -7.44 -3.69 -5.94
N ASN A 275 -7.00 -2.44 -5.79
CA ASN A 275 -5.57 -2.18 -5.76
C ASN A 275 -5.29 -0.82 -5.15
N TRP A 276 -4.02 -0.60 -4.84
CA TRP A 276 -3.57 0.67 -4.29
C TRP A 276 -3.67 1.76 -5.36
N PRO A 277 -3.72 3.04 -4.94
CA PRO A 277 -4.04 4.11 -5.90
C PRO A 277 -2.97 4.38 -6.95
N PHE A 278 -1.77 3.82 -6.83
CA PHE A 278 -0.74 4.07 -7.83
C PHE A 278 -1.17 3.60 -9.22
N VAL A 279 -2.07 2.62 -9.30
CA VAL A 279 -2.56 2.15 -10.58
C VAL A 279 -3.24 3.26 -11.37
N PHE A 280 -3.66 4.34 -10.71
CA PHE A 280 -4.12 5.51 -11.45
C PHE A 280 -2.98 6.12 -12.25
N ALA A 281 -1.90 6.51 -11.56
CA ALA A 281 -0.76 7.12 -12.24
C ALA A 281 -0.20 6.18 -13.30
N SER A 282 -0.16 4.88 -12.99
CA SER A 282 0.28 3.90 -13.98
C SER A 282 -0.60 3.95 -15.22
N MET A 283 -1.93 3.89 -15.04
CA MET A 283 -2.82 3.72 -16.17
C MET A 283 -2.61 4.81 -17.21
N LEU A 284 -2.64 6.08 -16.78
CA LEU A 284 -2.35 7.17 -17.70
C LEU A 284 -0.96 7.02 -18.31
N GLU A 285 0.06 6.82 -17.46
CA GLU A 285 1.43 6.78 -17.95
C GLU A 285 1.60 5.69 -19.01
N ASN A 286 1.28 4.44 -18.65
CA ASN A 286 1.39 3.35 -19.60
C ASN A 286 0.47 3.55 -20.81
N ALA A 287 -0.62 4.30 -20.64
CA ALA A 287 -1.47 4.56 -21.80
C ALA A 287 -0.80 5.56 -22.75
N VAL A 288 -0.04 6.52 -22.22
CA VAL A 288 0.65 7.45 -23.08
C VAL A 288 1.81 6.77 -23.78
N LYS A 289 2.43 5.78 -23.13
CA LYS A 289 3.50 5.00 -23.72
C LYS A 289 3.00 3.96 -24.72
N GLY A 290 1.68 3.82 -24.87
CA GLY A 290 1.11 2.86 -25.80
C GLY A 290 0.85 1.49 -25.23
N GLY A 291 1.04 1.29 -23.92
CA GLY A 291 0.91 -0.01 -23.32
C GLY A 291 -0.48 -0.42 -22.89
N VAL A 292 -1.51 0.35 -23.22
CA VAL A 292 -2.88 0.02 -22.83
C VAL A 292 -3.73 -0.07 -24.08
N PRO A 293 -4.24 -1.26 -24.44
CA PRO A 293 -4.94 -1.39 -25.73
C PRO A 293 -6.23 -0.59 -25.81
N PHE A 294 -7.08 -0.67 -24.79
CA PHE A 294 -8.38 0.00 -24.83
C PHE A 294 -8.29 1.49 -24.52
N LEU A 295 -7.09 2.03 -24.32
CA LEU A 295 -6.89 3.46 -24.02
C LEU A 295 -5.71 3.95 -24.81
N PRO A 296 -5.90 4.25 -26.10
CA PRO A 296 -4.77 4.67 -26.97
C PRO A 296 -4.40 6.13 -26.80
N LEU A 297 -3.89 6.48 -25.61
CA LEU A 297 -3.49 7.86 -25.36
C LEU A 297 -2.24 8.23 -26.17
N ASN A 298 -1.44 7.22 -26.56
CA ASN A 298 -0.26 7.49 -27.37
C ASN A 298 -0.63 8.05 -28.75
N ARG A 299 -1.89 7.93 -29.16
CA ARG A 299 -2.33 8.40 -30.46
C ARG A 299 -2.95 9.79 -30.42
N ILE A 300 -2.87 10.47 -29.27
CA ILE A 300 -3.31 11.86 -29.15
C ILE A 300 -2.10 12.74 -29.38
N PRO A 301 -2.06 13.53 -30.46
CA PRO A 301 -0.87 14.36 -30.72
C PRO A 301 -0.55 15.36 -29.62
N GLN A 302 -1.57 15.88 -28.93
CA GLN A 302 -1.33 16.83 -27.85
C GLN A 302 -0.58 16.21 -26.68
N LEU A 303 -0.59 14.89 -26.56
CA LEU A 303 0.12 14.20 -25.48
C LEU A 303 1.54 13.80 -25.86
N ALA A 304 1.95 14.01 -27.11
CA ALA A 304 3.31 13.72 -27.50
C ALA A 304 4.28 14.57 -26.70
N GLY A 305 5.30 13.93 -26.15
CA GLY A 305 6.28 14.61 -25.33
C GLY A 305 5.89 14.75 -23.86
N SER A 306 4.73 14.26 -23.46
CA SER A 306 4.33 14.35 -22.06
C SER A 306 5.10 13.38 -21.18
N ILE A 307 5.77 12.39 -21.77
CA ILE A 307 6.70 11.53 -21.03
C ILE A 307 8.03 12.25 -20.95
N ASN A 308 8.54 12.43 -19.73
CA ASN A 308 9.79 13.15 -19.55
C ASN A 308 10.97 12.23 -19.86
N ASP A 309 12.19 12.79 -19.79
CA ASP A 309 13.37 12.08 -20.27
C ASP A 309 13.74 10.86 -19.43
N ILE A 310 13.11 10.66 -18.27
CA ILE A 310 13.37 9.49 -17.45
C ILE A 310 12.14 8.57 -17.37
N GLY A 311 11.18 8.78 -18.27
CA GLY A 311 10.06 7.86 -18.40
C GLY A 311 8.85 8.14 -17.55
N THR A 312 8.79 9.31 -16.91
CA THR A 312 7.68 9.66 -16.03
C THR A 312 6.69 10.57 -16.75
N PHE A 313 5.41 10.23 -16.65
CA PHE A 313 4.34 11.06 -17.22
C PHE A 313 4.21 12.34 -16.42
N THR A 314 4.62 13.46 -17.01
CA THR A 314 4.57 14.78 -16.37
C THR A 314 3.80 15.74 -17.25
N PRO A 315 2.48 15.64 -17.28
CA PRO A 315 1.69 16.44 -18.22
C PRO A 315 1.54 17.88 -17.77
N SER A 316 1.23 18.73 -18.75
CA SER A 316 0.71 20.06 -18.44
C SER A 316 -0.71 19.93 -17.90
N ASP A 317 -1.27 21.07 -17.48
CA ASP A 317 -2.65 21.07 -17.00
C ASP A 317 -3.60 20.59 -18.08
N GLU A 318 -3.51 21.18 -19.28
CA GLU A 318 -4.39 20.79 -20.37
C GLU A 318 -4.14 19.35 -20.80
N GLN A 319 -2.88 18.92 -20.82
CA GLN A 319 -2.59 17.53 -21.16
C GLN A 319 -3.18 16.57 -20.12
N PHE A 320 -3.12 16.94 -18.84
CA PHE A 320 -3.74 16.10 -17.83
C PHE A 320 -5.26 16.05 -18.02
N ARG A 321 -5.86 17.16 -18.39
CA ARG A 321 -7.32 17.21 -18.61
C ARG A 321 -7.66 16.28 -19.77
N ILE A 322 -6.89 16.36 -20.84
CA ILE A 322 -7.13 15.49 -21.99
C ILE A 322 -7.03 14.02 -21.59
N ALA A 323 -5.93 13.66 -20.92
CA ALA A 323 -5.70 12.26 -20.57
C ALA A 323 -6.79 11.74 -19.62
N TYR A 324 -7.13 12.54 -18.61
CA TYR A 324 -8.12 12.09 -17.63
C TYR A 324 -9.50 11.96 -18.24
N ASP A 325 -9.91 12.95 -19.05
CA ASP A 325 -11.22 12.87 -19.68
C ASP A 325 -11.31 11.72 -20.67
N ALA A 326 -10.20 11.38 -21.34
CA ALA A 326 -10.20 10.21 -22.20
C ALA A 326 -10.28 8.93 -21.37
N SER A 327 -9.55 8.88 -20.25
CA SER A 327 -9.50 7.66 -19.45
C SER A 327 -10.81 7.39 -18.74
N GLN A 328 -11.59 8.44 -18.44
CA GLN A 328 -12.81 8.26 -17.66
C GLN A 328 -13.86 7.41 -18.37
N GLN A 329 -13.73 7.17 -19.67
CA GLN A 329 -14.68 6.32 -20.38
C GLN A 329 -14.33 4.84 -20.31
N VAL A 330 -13.11 4.49 -19.90
CA VAL A 330 -12.70 3.09 -19.75
C VAL A 330 -12.05 2.82 -18.41
N PHE A 331 -11.95 3.81 -17.52
CA PHE A 331 -11.25 3.63 -16.26
C PHE A 331 -11.96 4.45 -15.19
N GLY A 332 -12.54 3.78 -14.19
CA GLY A 332 -13.18 4.46 -13.10
C GLY A 332 -12.75 3.87 -11.77
N PHE A 333 -12.86 4.69 -10.73
CA PHE A 333 -12.55 4.29 -9.37
C PHE A 333 -13.80 4.40 -8.50
N ALA A 334 -13.78 3.66 -7.39
CA ALA A 334 -14.92 3.55 -6.50
C ALA A 334 -14.42 3.05 -5.15
N PRO A 335 -15.23 3.19 -4.09
CA PRO A 335 -14.81 2.64 -2.79
C PRO A 335 -14.54 1.15 -2.87
N TYR A 336 -13.67 0.69 -1.99
CA TYR A 336 -13.46 -0.73 -1.81
C TYR A 336 -14.79 -1.42 -1.50
N PRO A 337 -15.05 -2.60 -2.07
CA PRO A 337 -16.35 -3.24 -1.86
C PRO A 337 -16.56 -3.63 -0.40
N ALA A 338 -17.76 -3.39 0.09
CA ALA A 338 -18.09 -3.70 1.47
C ALA A 338 -18.27 -5.19 1.67
N VAL A 339 -18.08 -5.63 2.91
CA VAL A 339 -18.46 -7.00 3.30
C VAL A 339 -19.90 -7.04 3.75
N ALA A 340 -20.28 -6.16 4.69
CA ALA A 340 -21.65 -6.07 5.16
C ALA A 340 -22.36 -4.99 4.36
N PRO A 341 -23.34 -5.34 3.52
CA PRO A 341 -24.04 -4.32 2.73
C PRO A 341 -24.75 -3.32 3.63
N GLY A 342 -24.55 -2.04 3.33
CA GLY A 342 -25.16 -0.96 4.09
C GLY A 342 -24.17 -0.02 4.74
N GLN A 343 -22.90 -0.42 4.88
CA GLN A 343 -21.88 0.45 5.45
C GLN A 343 -20.56 0.18 4.74
N PRO A 344 -19.71 1.21 4.63
CA PRO A 344 -18.43 1.03 3.94
C PRO A 344 -17.56 -0.03 4.61
N ALA A 345 -16.58 -0.50 3.85
CA ALA A 345 -15.62 -1.45 4.39
C ALA A 345 -14.60 -0.75 5.29
N LYS A 346 -13.90 -1.54 6.08
CA LYS A 346 -12.71 -1.08 6.80
C LYS A 346 -11.50 -1.62 6.06
N VAL A 347 -10.81 -0.74 5.33
CA VAL A 347 -9.78 -1.13 4.39
C VAL A 347 -8.42 -1.06 5.06
N THR A 348 -7.61 -2.11 4.86
CA THR A 348 -6.31 -2.20 5.51
C THR A 348 -5.38 -1.08 5.03
N ILE A 349 -4.80 -0.38 5.99
CA ILE A 349 -3.91 0.74 5.70
C ILE A 349 -2.51 0.21 5.39
N GLY A 350 -1.83 0.86 4.45
CA GLY A 350 -0.44 0.56 4.17
C GLY A 350 0.37 1.85 4.05
N GLY A 351 1.61 1.77 3.60
CA GLY A 351 2.38 2.95 3.32
C GLY A 351 3.83 2.81 3.74
N LEU A 352 4.48 3.95 3.92
CA LEU A 352 5.89 4.02 4.25
C LEU A 352 6.12 5.13 5.27
N ASN A 353 6.84 4.77 6.34
CA ASN A 353 7.26 5.69 7.39
C ASN A 353 8.78 5.85 7.35
N LEU A 354 9.26 7.08 7.52
CA LEU A 354 10.69 7.37 7.50
C LEU A 354 11.26 7.20 8.91
N ALA A 355 12.23 6.29 9.05
CA ALA A 355 12.89 6.02 10.31
C ALA A 355 14.39 6.26 10.17
N VAL A 356 15.04 6.59 11.29
CA VAL A 356 16.48 6.79 11.32
C VAL A 356 17.10 5.56 11.97
N ALA A 357 18.04 4.93 11.28
CA ALA A 357 18.65 3.71 11.79
C ALA A 357 19.60 4.02 12.95
N LYS A 358 19.63 3.12 13.93
CA LYS A 358 20.54 3.29 15.07
C LYS A 358 22.00 3.22 14.65
N THR A 359 22.28 2.71 13.44
CA THR A 359 23.65 2.61 12.94
C THR A 359 24.20 3.95 12.45
N THR A 360 23.36 4.97 12.33
CA THR A 360 23.80 6.21 11.68
C THR A 360 24.92 6.88 12.47
N ARG A 361 25.82 7.53 11.73
CA ARG A 361 26.86 8.35 12.33
C ARG A 361 26.45 9.81 12.47
N HIS A 362 25.33 10.20 11.84
CA HIS A 362 24.90 11.60 11.79
C HIS A 362 23.38 11.64 12.04
N ARG A 363 23.00 11.54 13.32
CA ARG A 363 21.59 11.59 13.69
C ARG A 363 20.97 12.91 13.26
N ALA A 364 21.65 14.02 13.53
CA ALA A 364 21.09 15.35 13.24
C ALA A 364 20.74 15.49 11.76
N GLU A 365 21.71 15.20 10.89
CA GLU A 365 21.47 15.32 9.46
C GLU A 365 20.43 14.33 8.97
N ALA A 366 20.40 13.14 9.56
CA ALA A 366 19.41 12.14 9.17
C ALA A 366 18.00 12.62 9.47
N PHE A 367 17.78 13.18 10.66
CA PHE A 367 16.46 13.69 11.01
C PHE A 367 16.09 14.91 10.18
N GLU A 368 17.06 15.78 9.91
CA GLU A 368 16.81 16.92 9.02
C GLU A 368 16.38 16.45 7.63
N ALA A 369 17.06 15.41 7.11
CA ALA A 369 16.69 14.85 5.81
C ALA A 369 15.29 14.27 5.86
N VAL A 370 14.96 13.53 6.92
CA VAL A 370 13.60 13.02 7.09
C VAL A 370 12.59 14.16 6.99
N ARG A 371 12.91 15.30 7.61
CA ARG A 371 11.96 16.42 7.62
C ARG A 371 11.78 17.00 6.23
N CYS A 372 12.87 17.16 5.47
CA CYS A 372 12.76 17.71 4.11
C CYS A 372 12.08 16.75 3.16
N LEU A 373 12.34 15.44 3.30
CA LEU A 373 11.80 14.45 2.38
C LEU A 373 10.28 14.43 2.40
N ARG A 374 9.68 14.85 3.53
CA ARG A 374 8.23 14.77 3.70
C ARG A 374 7.57 16.15 3.73
N ASP A 375 8.23 17.17 3.18
CA ASP A 375 7.65 18.50 3.19
C ASP A 375 6.55 18.60 2.13
N GLN A 376 5.91 19.77 2.08
CA GLN A 376 4.69 19.93 1.28
C GLN A 376 4.95 19.65 -0.20
N HIS A 377 6.00 20.26 -0.76
CA HIS A 377 6.30 20.09 -2.17
C HIS A 377 6.56 18.62 -2.51
N ASN A 378 7.37 17.96 -1.68
CA ASN A 378 7.69 16.56 -1.95
C ASN A 378 6.50 15.64 -1.72
N GLN A 379 5.55 16.04 -0.87
CA GLN A 379 4.33 15.25 -0.73
C GLN A 379 3.47 15.37 -1.97
N ARG A 380 3.31 16.60 -2.48
CA ARG A 380 2.63 16.78 -3.76
C ARG A 380 3.27 15.92 -4.85
N TYR A 381 4.60 15.90 -4.89
CA TYR A 381 5.30 15.14 -5.92
C TYR A 381 5.07 13.64 -5.73
N VAL A 382 5.24 13.13 -4.51
CA VAL A 382 5.15 11.70 -4.28
C VAL A 382 3.75 11.20 -4.56
N SER A 383 2.73 12.05 -4.43
CA SER A 383 1.38 11.62 -4.76
C SER A 383 1.10 11.75 -6.26
N LEU A 384 1.43 12.89 -6.86
CA LEU A 384 1.01 13.15 -8.22
C LEU A 384 1.88 12.43 -9.25
N GLU A 385 3.20 12.39 -9.02
CA GLU A 385 4.10 11.70 -9.93
C GLU A 385 4.36 10.27 -9.50
N GLY A 386 4.61 10.06 -8.21
CA GLY A 386 4.93 8.73 -7.70
C GLY A 386 3.75 7.82 -7.45
N GLY A 387 2.53 8.36 -7.48
CA GLY A 387 1.34 7.57 -7.25
C GLY A 387 1.15 7.07 -5.83
N LEU A 388 1.87 7.63 -4.86
CA LEU A 388 1.79 7.19 -3.48
C LEU A 388 1.00 8.20 -2.66
N PRO A 389 -0.10 7.81 -2.02
CA PRO A 389 -0.90 8.76 -1.25
C PRO A 389 -0.08 9.51 -0.21
N ALA A 390 -0.24 10.83 -0.20
CA ALA A 390 0.45 11.67 0.77
C ALA A 390 -0.15 11.48 2.17
N VAL A 391 0.65 11.82 3.18
CA VAL A 391 0.17 11.81 4.56
C VAL A 391 -0.18 13.21 5.07
N ARG A 392 0.13 14.25 4.32
CA ARG A 392 -0.18 15.61 4.75
C ARG A 392 -1.68 15.86 4.61
N ALA A 393 -2.35 16.12 5.74
CA ALA A 393 -3.78 16.34 5.72
C ALA A 393 -4.16 17.53 4.84
N SER A 394 -3.32 18.58 4.84
CA SER A 394 -3.63 19.78 4.09
C SER A 394 -3.87 19.49 2.62
N LEU A 395 -3.12 18.54 2.04
CA LEU A 395 -3.21 18.28 0.61
C LEU A 395 -4.61 17.81 0.20
N TYR A 396 -5.26 17.00 1.04
CA TYR A 396 -6.61 16.55 0.72
C TYR A 396 -7.64 17.66 0.86
N SER A 397 -7.25 18.81 1.43
CA SER A 397 -8.09 20.01 1.44
C SER A 397 -7.56 21.07 0.48
N ASP A 398 -6.66 20.71 -0.43
CA ASP A 398 -6.04 21.64 -1.35
C ASP A 398 -6.67 21.46 -2.73
N PRO A 399 -7.45 22.45 -3.22
CA PRO A 399 -8.13 22.25 -4.52
C PRO A 399 -7.17 22.01 -5.67
N GLN A 400 -6.00 22.67 -5.66
CA GLN A 400 -5.00 22.40 -6.69
C GLN A 400 -4.58 20.94 -6.68
N PHE A 401 -4.38 20.37 -5.49
CA PHE A 401 -4.03 18.96 -5.38
C PHE A 401 -5.21 18.06 -5.75
N GLN A 402 -6.41 18.45 -5.34
CA GLN A 402 -7.59 17.62 -5.61
C GLN A 402 -7.87 17.52 -7.10
N ALA A 403 -7.64 18.60 -7.84
CA ALA A 403 -7.92 18.58 -9.28
C ALA A 403 -7.04 17.59 -10.02
N LYS A 404 -5.84 17.32 -9.49
CA LYS A 404 -4.91 16.37 -10.10
C LYS A 404 -4.97 14.98 -9.47
N TYR A 405 -5.67 14.84 -8.35
CA TYR A 405 -5.77 13.57 -7.62
C TYR A 405 -7.25 13.31 -7.34
N PRO A 406 -8.02 12.96 -8.38
CA PRO A 406 -9.49 12.88 -8.23
C PRO A 406 -9.99 11.88 -7.21
N MET A 407 -9.12 11.03 -6.68
CA MET A 407 -9.51 9.99 -5.71
C MET A 407 -9.32 10.46 -4.27
N HIS A 408 -9.07 11.75 -4.06
CA HIS A 408 -8.68 12.24 -2.74
C HIS A 408 -9.76 11.97 -1.70
N ALA A 409 -11.03 12.19 -2.04
CA ALA A 409 -12.10 12.09 -1.05
C ALA A 409 -12.25 10.66 -0.55
N ILE A 410 -12.31 9.70 -1.47
CA ILE A 410 -12.44 8.30 -1.08
C ILE A 410 -11.23 7.86 -0.28
N ILE A 411 -10.03 8.28 -0.71
CA ILE A 411 -8.81 7.88 -0.01
C ILE A 411 -8.82 8.41 1.42
N ARG A 412 -9.16 9.69 1.60
CA ARG A 412 -9.17 10.26 2.95
C ARG A 412 -10.23 9.60 3.82
N GLN A 413 -11.41 9.31 3.26
CA GLN A 413 -12.45 8.67 4.06
C GLN A 413 -12.05 7.26 4.46
N GLN A 414 -11.44 6.51 3.54
CA GLN A 414 -11.00 5.16 3.88
C GLN A 414 -9.85 5.17 4.86
N LEU A 415 -8.99 6.19 4.82
CA LEU A 415 -7.96 6.33 5.83
C LEU A 415 -8.52 6.75 7.18
N THR A 416 -9.69 7.40 7.20
CA THR A 416 -10.27 7.86 8.45
C THR A 416 -10.75 6.70 9.32
N ASP A 417 -11.33 5.67 8.71
CA ASP A 417 -11.78 4.51 9.47
C ASP A 417 -11.15 3.23 8.94
N ALA A 418 -9.82 3.23 8.83
CA ALA A 418 -9.11 2.14 8.18
C ALA A 418 -8.98 0.93 9.09
N ALA A 419 -8.91 -0.24 8.47
CA ALA A 419 -8.45 -1.43 9.17
C ALA A 419 -6.95 -1.38 9.36
N VAL A 420 -6.47 -2.05 10.40
CA VAL A 420 -5.04 -2.10 10.69
C VAL A 420 -4.61 -3.57 10.77
N ARG A 421 -3.44 -3.86 10.22
CA ARG A 421 -2.82 -5.14 10.48
C ARG A 421 -2.27 -5.16 11.90
N PRO A 422 -2.15 -6.34 12.52
CA PRO A 422 -1.67 -6.38 13.91
C PRO A 422 -0.26 -5.82 14.03
N ALA A 423 -0.06 -4.99 15.05
CA ALA A 423 1.25 -4.42 15.36
C ALA A 423 1.92 -5.33 16.39
N THR A 424 2.94 -6.07 15.96
CA THR A 424 3.62 -7.02 16.81
C THR A 424 5.04 -7.20 16.32
N PRO A 425 6.01 -7.39 17.22
CA PRO A 425 7.40 -7.60 16.78
C PRO A 425 7.60 -8.88 15.99
N VAL A 426 6.65 -9.82 16.02
CA VAL A 426 6.80 -11.07 15.30
C VAL A 426 5.90 -11.07 14.08
N TYR A 427 5.63 -9.88 13.52
CA TYR A 427 4.71 -9.81 12.39
C TYR A 427 5.24 -10.53 11.17
N GLN A 428 6.57 -10.59 11.00
CA GLN A 428 7.12 -11.29 9.84
C GLN A 428 6.69 -12.75 9.82
N ALA A 429 6.94 -13.46 10.93
CA ALA A 429 6.55 -14.86 11.02
C ALA A 429 5.03 -15.02 10.97
N LEU A 430 4.29 -14.12 11.61
CA LEU A 430 2.84 -14.19 11.58
C LEU A 430 2.31 -14.11 10.16
N SER A 431 2.78 -13.13 9.40
CA SER A 431 2.32 -12.96 8.02
C SER A 431 2.74 -14.14 7.15
N ILE A 432 3.95 -14.66 7.36
CA ILE A 432 4.39 -15.83 6.59
C ILE A 432 3.46 -17.01 6.84
N ARG A 433 3.15 -17.28 8.11
CA ARG A 433 2.29 -18.42 8.43
C ARG A 433 0.88 -18.22 7.89
N LEU A 434 0.32 -17.03 8.07
CA LEU A 434 -1.02 -16.76 7.57
C LEU A 434 -1.08 -16.92 6.05
N ALA A 435 -0.10 -16.37 5.34
CA ALA A 435 -0.07 -16.51 3.89
C ALA A 435 0.03 -17.97 3.48
N ALA A 436 0.88 -18.75 4.17
CA ALA A 436 1.02 -20.16 3.84
C ALA A 436 -0.29 -20.91 4.01
N VAL A 437 -1.08 -20.55 5.03
CA VAL A 437 -2.37 -21.21 5.20
C VAL A 437 -3.36 -20.77 4.13
N LEU A 438 -3.46 -19.45 3.90
CA LEU A 438 -4.45 -18.92 2.99
C LEU A 438 -4.20 -19.35 1.55
N SER A 439 -2.94 -19.59 1.18
CA SER A 439 -2.79 -19.82 -0.25
C SER A 439 -2.60 -21.31 -0.54
N PRO A 440 -3.16 -21.80 -1.66
CA PRO A 440 -3.98 -21.02 -2.60
C PRO A 440 -5.41 -20.89 -2.11
N ILE A 441 -6.07 -19.76 -2.40
CA ILE A 441 -7.41 -19.52 -1.89
C ILE A 441 -8.44 -20.45 -2.50
N THR A 442 -8.11 -21.15 -3.58
CA THR A 442 -9.00 -22.16 -4.14
C THR A 442 -9.19 -23.34 -3.20
N GLU A 443 -8.26 -23.56 -2.27
CA GLU A 443 -8.33 -24.67 -1.34
C GLU A 443 -8.85 -24.26 0.04
N ILE A 444 -9.37 -23.05 0.18
CA ILE A 444 -9.87 -22.60 1.48
C ILE A 444 -11.17 -23.31 1.79
N ASP A 445 -11.22 -23.94 2.97
CA ASP A 445 -12.47 -24.45 3.53
C ASP A 445 -12.75 -23.68 4.81
N PRO A 446 -13.75 -22.79 4.81
CA PRO A 446 -13.85 -21.77 5.89
C PRO A 446 -13.65 -22.26 7.31
N GLU A 447 -14.34 -23.32 7.74
CA GLU A 447 -14.24 -23.73 9.14
C GLU A 447 -12.86 -24.30 9.46
N SER A 448 -12.42 -25.31 8.69
CA SER A 448 -11.13 -25.92 8.95
C SER A 448 -9.99 -24.93 8.72
N THR A 449 -10.11 -24.10 7.67
CA THR A 449 -9.09 -23.07 7.44
C THR A 449 -9.04 -22.06 8.57
N ALA A 450 -10.20 -21.72 9.16
CA ALA A 450 -10.20 -20.82 10.30
C ALA A 450 -9.44 -21.41 11.47
N ASP A 451 -9.69 -22.69 11.76
CA ASP A 451 -8.96 -23.34 12.85
C ASP A 451 -7.46 -23.39 12.55
N GLU A 452 -7.10 -23.72 11.31
CA GLU A 452 -5.69 -23.79 10.92
C GLU A 452 -5.02 -22.42 11.03
N LEU A 453 -5.74 -21.36 10.64
CA LEU A 453 -5.23 -20.01 10.75
C LEU A 453 -4.96 -19.64 12.19
N ALA A 454 -5.93 -19.93 13.08
CA ALA A 454 -5.75 -19.61 14.49
C ALA A 454 -4.55 -20.36 15.07
N ALA A 455 -4.40 -21.64 14.70
CA ALA A 455 -3.27 -22.42 15.22
C ALA A 455 -1.94 -21.85 14.74
N GLN A 456 -1.84 -21.51 13.45
CA GLN A 456 -0.59 -20.98 12.93
C GLN A 456 -0.28 -19.61 13.52
N ALA A 457 -1.30 -18.79 13.74
CA ALA A 457 -1.08 -17.49 14.38
C ALA A 457 -0.59 -17.66 15.81
N GLN A 458 -1.15 -18.64 16.53
CA GLN A 458 -0.66 -18.93 17.87
C GLN A 458 0.81 -19.34 17.84
N LYS A 459 1.17 -20.20 16.90
CA LYS A 459 2.57 -20.59 16.76
C LYS A 459 3.45 -19.37 16.49
N ALA A 460 2.96 -18.44 15.66
CA ALA A 460 3.75 -17.25 15.37
C ALA A 460 3.97 -16.40 16.61
N ILE A 461 2.91 -16.17 17.39
CA ILE A 461 3.04 -15.28 18.55
C ILE A 461 3.69 -15.96 19.75
N ASP A 462 3.83 -17.27 19.73
CA ASP A 462 4.48 -17.99 20.83
C ASP A 462 6.01 -17.94 20.75
N GLY A 463 6.58 -17.09 19.91
CA GLY A 463 8.01 -17.12 19.67
C GLY A 463 8.45 -18.37 18.91
N MET A 464 7.56 -18.92 18.10
CA MET A 464 7.74 -20.21 17.45
C MET A 464 7.75 -20.13 15.92
N GLY A 465 7.30 -19.03 15.34
CA GLY A 465 7.21 -18.90 13.90
C GLY A 465 8.54 -18.80 13.17
S SO4 B . 3.04 -4.45 -10.03
O1 SO4 B . 4.19 -3.81 -9.41
O2 SO4 B . 3.27 -4.60 -11.46
O3 SO4 B . 2.81 -5.76 -9.44
O4 SO4 B . 1.85 -3.61 -9.83
S SO4 C . 1.77 -10.94 -2.93
O1 SO4 C . 2.92 -11.84 -2.94
O2 SO4 C . 1.56 -10.41 -4.28
O3 SO4 C . 0.59 -11.66 -2.49
O4 SO4 C . 2.04 -9.82 -2.03
S SO4 D . 31.25 10.26 7.59
O1 SO4 D . 32.04 11.34 7.03
O2 SO4 D . 32.12 9.11 7.87
O3 SO4 D . 30.21 9.87 6.66
O4 SO4 D . 30.65 10.71 8.85
S SO4 E . 5.64 -1.69 -16.18
O1 SO4 E . 5.04 -2.65 -17.12
O2 SO4 E . 6.93 -1.25 -16.69
O3 SO4 E . 5.83 -2.34 -14.89
O4 SO4 E . 4.75 -0.54 -16.01
C4 W4Z F . 1.74 -3.46 1.98
C5 W4Z F . 2.03 -4.15 0.63
C6 W4Z F . 1.47 -5.47 0.61
C3 W4Z F . 2.17 -2.04 1.95
C1 W4Z F . 1.74 -1.88 -0.42
C2 W4Z F . 1.45 -1.31 0.92
N6 W4Z F . 1.84 -6.14 -0.61
O1 W4Z F . 3.11 -1.75 -0.70
O2 W4Z F . 1.86 0.14 0.95
O3 W4Z F . 1.94 -1.43 3.26
O4 W4Z F . 2.47 -4.16 3.03
O5 W4Z F . 1.36 -3.30 -0.47
C W4Z F . 0.96 -6.08 -1.76
O W4Z F . -0.06 -5.49 -1.68
CH3 W4Z F . 1.34 -6.77 -3.06
C1 GLC G . 3.42 -2.12 -2.02
C2 GLC G . 4.86 -2.03 -2.25
C3 GLC G . 5.36 -0.63 -2.13
C4 GLC G . 4.66 0.28 -3.09
C5 GLC G . 3.13 0.24 -2.95
C6 GLC G . 2.53 0.94 -4.06
O2 GLC G . 5.59 -2.87 -1.26
O3 GLC G . 6.77 -0.61 -2.42
O4 GLC G . 5.09 1.63 -2.83
O5 GLC G . 2.67 -1.23 -2.98
O6 GLC G . 1.20 1.18 -3.75
#